data_8F8N
#
_entry.id   8F8N
#
_cell.length_a   35.480
_cell.length_b   47.732
_cell.length_c   111.113
_cell.angle_alpha   90.00
_cell.angle_beta   90.00
_cell.angle_gamma   90.00
#
_symmetry.space_group_name_H-M   'P 21 21 21'
#
loop_
_entity.id
_entity.type
_entity.pdbx_description
1 polymer 'Microtubule-associated protein TORTIFOLIA1'
2 water water
#
_entity_poly.entity_id   1
_entity_poly.type   'polypeptide(L)'
_entity_poly.pdbx_seq_one_letter_code
;GSH(MSE)GRRGWDNKASGTIRFGEGPSARSVWQASKDEATLEAIRVAGEDGAVPRPTRVAVAPEAEA(MSE)GDDDNEG
QERDPIWVSWSNA(MSE)HSLRVGDIDAAYAEVLCAGDQHLVIKL(MSE)DKTGPSLDQ(MSE)SNEIANEALNFISQFL
LDHSLYDICLSWSQQLLELVLQDGADTFGVP(MSE)ELKTEILYNLQDACST(MSE)DPPEDWEGPAPEQLVVQLASVWE
IDLQQFDK
;
_entity_poly.pdbx_strand_id   A
#
# COMPACT_ATOMS: atom_id res chain seq x y z
N GLN A 73 24.99 18.62 18.39
CA GLN A 73 24.46 18.99 17.07
C GLN A 73 24.59 17.83 16.07
N GLU A 74 23.47 17.22 15.69
CA GLU A 74 23.53 16.25 14.61
C GLU A 74 22.27 16.33 13.79
N ARG A 75 22.32 15.81 12.57
CA ARG A 75 21.15 15.83 11.71
C ARG A 75 20.11 14.91 12.31
N ASP A 76 18.83 15.28 12.20
CA ASP A 76 17.74 14.35 12.52
C ASP A 76 18.00 13.07 11.74
N PRO A 77 18.08 11.92 12.43
CA PRO A 77 18.43 10.67 11.74
C PRO A 77 17.49 10.33 10.58
N ILE A 78 16.27 10.85 10.60
CA ILE A 78 15.35 10.57 9.49
C ILE A 78 15.89 11.10 8.17
N TRP A 79 16.70 12.17 8.21
CA TRP A 79 17.19 12.73 6.95
C TRP A 79 18.42 12.00 6.47
N VAL A 80 19.13 11.36 7.39
CA VAL A 80 20.21 10.49 6.96
C VAL A 80 19.61 9.24 6.30
N SER A 81 18.52 8.73 6.88
CA SER A 81 17.78 7.61 6.27
C SER A 81 17.26 8.00 4.89
N TRP A 82 16.67 9.18 4.79
CA TRP A 82 16.14 9.65 3.53
C TRP A 82 17.25 9.72 2.47
N SER A 83 18.43 10.23 2.85
CA SER A 83 19.56 10.29 1.94
C SER A 83 19.98 8.91 1.41
N ASN A 84 20.02 7.93 2.32
CA ASN A 84 20.34 6.57 1.93
C ASN A 84 19.31 6.04 0.96
N ALA A 85 18.05 6.34 1.24
CA ALA A 85 16.97 5.91 0.35
C ALA A 85 17.04 6.57 -1.01
N MSE A 86 17.41 7.86 -1.06
CA MSE A 86 17.53 8.54 -2.34
C MSE A 86 18.66 7.96 -3.18
O MSE A 86 18.55 7.84 -4.40
CB MSE A 86 17.72 10.06 -2.17
CG MSE A 86 16.53 10.78 -1.59
SE MSE A 86 14.84 10.52 -2.56
CE MSE A 86 14.11 9.02 -1.48
N HIS A 87 19.77 7.61 -2.52
CA HIS A 87 20.83 6.91 -3.25
C HIS A 87 20.36 5.58 -3.81
N SER A 88 19.62 4.81 -3.01
CA SER A 88 19.06 3.56 -3.50
C SER A 88 18.16 3.78 -4.71
N LEU A 89 17.33 4.82 -4.68
CA LEU A 89 16.47 5.12 -5.82
C LEU A 89 17.30 5.49 -7.05
N ARG A 90 18.39 6.20 -6.83
CA ARG A 90 19.26 6.64 -7.91
C ARG A 90 19.86 5.47 -8.67
N VAL A 91 20.11 4.36 -7.96
CA VAL A 91 20.71 3.18 -8.59
C VAL A 91 19.68 2.10 -8.90
N GLY A 92 18.39 2.45 -8.79
CA GLY A 92 17.32 1.57 -9.21
C GLY A 92 16.87 0.54 -8.18
N ASP A 93 17.31 0.68 -6.94
CA ASP A 93 17.00 -0.30 -5.92
C ASP A 93 15.80 0.16 -5.09
N ILE A 94 14.62 0.07 -5.68
CA ILE A 94 13.39 0.48 -5.00
C ILE A 94 13.13 -0.30 -3.72
N ASP A 95 13.41 -1.60 -3.73
CA ASP A 95 13.22 -2.43 -2.54
C ASP A 95 14.06 -1.93 -1.35
N ALA A 96 15.31 -1.57 -1.60
CA ALA A 96 16.18 -1.07 -0.54
C ALA A 96 15.76 0.32 -0.06
N ALA A 97 15.28 1.13 -0.99
CA ALA A 97 14.79 2.46 -0.62
C ALA A 97 13.63 2.33 0.34
N TYR A 98 12.68 1.45 0.01
CA TYR A 98 11.58 1.19 0.92
C TYR A 98 12.03 0.57 2.24
N ALA A 99 12.95 -0.37 2.18
CA ALA A 99 13.38 -1.03 3.42
C ALA A 99 13.92 0.01 4.41
N GLU A 100 14.67 0.96 3.88
CA GLU A 100 15.26 2.02 4.69
C GLU A 100 14.19 2.94 5.29
N VAL A 101 13.29 3.45 4.46
CA VAL A 101 12.32 4.42 4.93
C VAL A 101 11.24 3.78 5.79
N LEU A 102 10.85 2.55 5.47
CA LEU A 102 9.76 1.92 6.24
C LEU A 102 10.25 1.60 7.64
N CYS A 103 11.56 1.41 7.76
CA CYS A 103 12.18 1.08 9.03
C CYS A 103 12.43 2.33 9.89
N ALA A 104 12.69 3.46 9.24
CA ALA A 104 12.99 4.70 9.95
C ALA A 104 11.81 5.21 10.78
N GLY A 105 10.67 4.53 10.68
CA GLY A 105 9.52 4.83 11.50
C GLY A 105 8.59 5.92 10.97
N ASP A 106 9.17 7.01 10.52
CA ASP A 106 8.45 8.21 10.14
C ASP A 106 7.37 8.14 9.04
N GLN A 107 6.12 8.23 9.44
CA GLN A 107 5.01 8.12 8.54
C GLN A 107 5.06 9.13 7.44
N HIS A 108 5.47 10.34 7.77
CA HIS A 108 5.45 11.34 6.72
C HIS A 108 6.50 11.06 5.63
N LEU A 109 7.60 10.43 6.00
CA LEU A 109 8.60 10.03 5.00
C LEU A 109 8.13 8.83 4.17
N VAL A 110 7.33 7.96 4.76
CA VAL A 110 6.77 6.86 3.98
C VAL A 110 5.89 7.44 2.87
N ILE A 111 5.03 8.38 3.24
CA ILE A 111 4.16 9.04 2.28
C ILE A 111 4.95 9.81 1.22
N LYS A 112 5.97 10.49 1.68
CA LYS A 112 6.84 11.21 0.77
C LYS A 112 7.45 10.26 -0.27
N LEU A 113 7.90 9.09 0.17
CA LEU A 113 8.51 8.13 -0.75
C LEU A 113 7.49 7.59 -1.73
N MSE A 114 6.32 7.21 -1.22
CA MSE A 114 5.28 6.68 -2.07
C MSE A 114 4.85 7.73 -3.11
O MSE A 114 4.64 7.41 -4.28
CB MSE A 114 4.07 6.23 -1.23
CG MSE A 114 4.45 5.15 -0.23
SE MSE A 114 2.85 4.52 0.67
CE MSE A 114 3.56 2.76 1.20
N ASP A 115 4.77 8.98 -2.69
CA ASP A 115 4.40 10.07 -3.61
C ASP A 115 5.41 10.20 -4.77
N LYS A 116 6.67 9.92 -4.47
CA LYS A 116 7.76 10.03 -5.43
C LYS A 116 7.86 8.86 -6.42
N THR A 117 7.67 7.66 -5.88
CA THR A 117 7.86 6.50 -6.74
C THR A 117 6.60 6.05 -7.46
N GLY A 118 5.45 6.36 -6.87
CA GLY A 118 4.19 5.77 -7.30
C GLY A 118 4.13 4.34 -6.79
N PRO A 119 3.03 3.61 -7.07
CA PRO A 119 2.89 2.23 -6.59
C PRO A 119 4.04 1.35 -7.09
N SER A 120 4.73 0.70 -6.15
CA SER A 120 5.97 0.01 -6.45
C SER A 120 6.03 -1.45 -6.00
N LEU A 121 4.85 -2.07 -5.80
CA LEU A 121 4.81 -3.45 -5.35
C LEU A 121 5.48 -4.40 -6.34
N ASP A 122 5.54 -3.99 -7.60
CA ASP A 122 6.17 -4.83 -8.61
C ASP A 122 7.71 -4.83 -8.52
N GLN A 123 8.27 -3.97 -7.68
CA GLN A 123 9.72 -3.87 -7.53
C GLN A 123 10.20 -4.21 -6.13
N MSE A 124 9.37 -4.93 -5.38
CA MSE A 124 9.62 -5.24 -3.97
C MSE A 124 9.65 -6.73 -3.67
O MSE A 124 8.91 -7.52 -4.27
CB MSE A 124 8.48 -4.66 -3.12
CG MSE A 124 8.60 -3.18 -2.88
SE MSE A 124 6.98 -2.67 -1.91
CE MSE A 124 7.16 -0.75 -2.17
N SER A 125 10.47 -7.10 -2.69
CA SER A 125 10.45 -8.43 -2.09
C SER A 125 9.15 -8.61 -1.34
N ASN A 126 8.78 -9.87 -1.08
CA ASN A 126 7.60 -10.12 -0.24
C ASN A 126 7.69 -9.40 1.11
N GLU A 127 8.88 -9.44 1.71
CA GLU A 127 9.05 -8.84 3.03
C GLU A 127 8.72 -7.35 3.01
N ILE A 128 9.28 -6.65 2.03
CA ILE A 128 9.08 -5.21 1.93
C ILE A 128 7.65 -4.87 1.47
N ALA A 129 7.13 -5.66 0.54
CA ALA A 129 5.72 -5.49 0.15
C ALA A 129 4.78 -5.61 1.37
N ASN A 130 5.02 -6.61 2.21
CA ASN A 130 4.18 -6.75 3.40
C ASN A 130 4.30 -5.54 4.35
N GLU A 131 5.56 -4.98 4.51
CA GLU A 131 5.68 -3.78 5.32
C GLU A 131 4.92 -2.61 4.69
N ALA A 132 5.04 -2.51 3.38
CA ALA A 132 4.33 -1.39 2.72
C ALA A 132 2.82 -1.54 2.83
N LEU A 133 2.31 -2.76 2.67
CA LEU A 133 0.86 -2.99 2.73
C LEU A 133 0.32 -2.78 4.15
N ASN A 134 1.16 -3.04 5.15
CA ASN A 134 0.77 -2.71 6.52
C ASN A 134 0.52 -1.21 6.67
N PHE A 135 1.36 -0.39 6.06
CA PHE A 135 1.13 1.06 6.06
C PHE A 135 -0.12 1.42 5.27
N ILE A 136 -0.29 0.82 4.10
CA ILE A 136 -1.48 1.13 3.29
C ILE A 136 -2.76 0.80 4.06
N SER A 137 -2.75 -0.30 4.79
CA SER A 137 -3.92 -0.71 5.58
C SER A 137 -4.26 0.36 6.62
N GLN A 138 -3.23 0.90 7.27
CA GLN A 138 -3.42 1.97 8.25
C GLN A 138 -3.82 3.28 7.57
N PHE A 139 -3.19 3.57 6.45
CA PHE A 139 -3.47 4.81 5.71
C PHE A 139 -4.93 4.89 5.24
N LEU A 140 -5.56 3.73 5.03
CA LEU A 140 -6.93 3.70 4.51
C LEU A 140 -7.88 4.35 5.49
N LEU A 141 -7.45 4.49 6.74
CA LEU A 141 -8.29 5.08 7.79
C LEU A 141 -8.20 6.61 7.80
N ASP A 142 -7.34 7.14 6.94
CA ASP A 142 -7.09 8.58 6.81
C ASP A 142 -7.61 9.08 5.46
N HIS A 143 -8.66 10.06 5.30
CA HIS A 143 -9.18 10.46 3.97
C HIS A 143 -8.25 11.28 3.08
N SER A 144 -7.26 11.91 3.70
CA SER A 144 -6.19 12.57 2.94
C SER A 144 -5.27 11.62 2.12
N LEU A 145 -5.28 10.32 2.42
CA LEU A 145 -4.38 9.40 1.72
C LEU A 145 -5.10 8.44 0.75
N TYR A 146 -6.40 8.75 0.57
CA TYR A 146 -7.24 7.81 -0.19
C TYR A 146 -6.73 7.59 -1.60
N ASP A 147 -6.31 8.65 -2.27
CA ASP A 147 -5.76 8.54 -3.61
C ASP A 147 -4.60 7.53 -3.63
N ILE A 148 -3.67 7.71 -2.71
CA ILE A 148 -2.52 6.82 -2.59
C ILE A 148 -2.97 5.39 -2.34
N CYS A 149 -3.92 5.23 -1.43
CA CYS A 149 -4.34 3.88 -1.06
C CYS A 149 -5.03 3.17 -2.22
N LEU A 150 -5.85 3.90 -2.96
CA LEU A 150 -6.51 3.32 -4.13
C LEU A 150 -5.51 2.90 -5.17
N SER A 151 -4.49 3.74 -5.40
CA SER A 151 -3.50 3.44 -6.42
C SER A 151 -2.75 2.17 -6.07
N TRP A 152 -2.35 2.04 -4.81
CA TRP A 152 -1.63 0.85 -4.37
C TRP A 152 -2.54 -0.39 -4.35
N SER A 153 -3.81 -0.21 -3.99
CA SER A 153 -4.75 -1.31 -3.96
C SER A 153 -4.98 -1.84 -5.39
N GLN A 154 -5.09 -0.92 -6.33
CA GLN A 154 -5.27 -1.31 -7.72
C GLN A 154 -4.06 -2.09 -8.23
N GLN A 155 -2.87 -1.63 -7.88
CA GLN A 155 -1.67 -2.35 -8.30
C GLN A 155 -1.63 -3.74 -7.68
N LEU A 156 -1.91 -3.80 -6.39
CA LEU A 156 -1.96 -5.07 -5.68
C LEU A 156 -2.90 -6.05 -6.37
N LEU A 157 -4.12 -5.60 -6.64
CA LEU A 157 -5.07 -6.45 -7.37
C LEU A 157 -4.52 -6.94 -8.71
N GLU A 158 -3.97 -6.03 -9.51
CA GLU A 158 -3.43 -6.41 -10.81
C GLU A 158 -2.32 -7.44 -10.68
N LEU A 159 -1.47 -7.26 -9.67
CA LEU A 159 -0.37 -8.21 -9.47
C LEU A 159 -0.79 -9.56 -8.93
N VAL A 160 -1.80 -9.60 -8.07
CA VAL A 160 -2.25 -10.92 -7.57
C VAL A 160 -3.04 -11.66 -8.65
N LEU A 161 -3.65 -10.91 -9.57
CA LEU A 161 -4.31 -11.55 -10.70
C LEU A 161 -3.28 -12.14 -11.66
N GLN A 162 -2.17 -11.44 -11.84
CA GLN A 162 -1.15 -11.86 -12.80
C GLN A 162 -0.23 -12.94 -12.25
N ASP A 163 0.22 -12.77 -11.01
CA ASP A 163 1.26 -13.64 -10.44
C ASP A 163 0.73 -14.64 -9.41
N GLY A 164 -0.54 -14.56 -9.06
CA GLY A 164 -1.11 -15.51 -8.13
C GLY A 164 -1.59 -14.85 -6.85
N ALA A 165 -2.71 -15.35 -6.36
CA ALA A 165 -3.35 -14.83 -5.15
C ALA A 165 -2.37 -14.66 -4.00
N ASP A 166 -1.46 -15.61 -3.86
CA ASP A 166 -0.57 -15.58 -2.70
C ASP A 166 0.87 -15.20 -3.01
N THR A 167 1.07 -14.53 -4.15
CA THR A 167 2.43 -14.20 -4.61
C THR A 167 3.27 -13.46 -3.57
N PHE A 168 2.63 -12.56 -2.81
CA PHE A 168 3.36 -11.70 -1.86
C PHE A 168 3.42 -12.31 -0.46
N GLY A 169 2.81 -13.47 -0.28
CA GLY A 169 2.84 -14.11 1.03
C GLY A 169 2.22 -13.26 2.13
N VAL A 170 1.19 -12.49 1.78
CA VAL A 170 0.46 -11.68 2.76
C VAL A 170 -0.36 -12.62 3.65
N PRO A 171 -0.20 -12.53 4.98
CA PRO A 171 -0.98 -13.43 5.84
C PRO A 171 -2.47 -13.10 5.82
N MSE A 172 -3.31 -14.07 6.16
CA MSE A 172 -4.75 -13.94 6.04
C MSE A 172 -5.28 -12.80 6.86
O MSE A 172 -6.28 -12.16 6.46
CB MSE A 172 -5.41 -15.24 6.51
CG MSE A 172 -6.93 -15.13 6.42
SE MSE A 172 -7.47 -15.01 4.52
CE MSE A 172 -6.42 -16.53 3.84
N GLU A 173 -4.64 -12.55 7.99
CA GLU A 173 -5.04 -11.47 8.89
C GLU A 173 -4.87 -10.12 8.20
N LEU A 174 -3.70 -9.91 7.59
CA LEU A 174 -3.48 -8.69 6.86
C LEU A 174 -4.38 -8.58 5.62
N LYS A 175 -4.54 -9.67 4.87
CA LYS A 175 -5.49 -9.67 3.73
C LYS A 175 -6.85 -9.16 4.20
N THR A 176 -7.28 -9.67 5.37
CA THR A 176 -8.59 -9.35 5.89
C THR A 176 -8.67 -7.87 6.35
N GLU A 177 -7.64 -7.42 7.07
CA GLU A 177 -7.55 -6.01 7.46
C GLU A 177 -7.60 -5.08 6.25
N ILE A 178 -6.83 -5.41 5.20
CA ILE A 178 -6.83 -4.58 3.99
C ILE A 178 -8.23 -4.51 3.39
N LEU A 179 -8.92 -5.60 3.25
CA LEU A 179 -10.27 -5.59 2.69
C LEU A 179 -11.25 -4.86 3.58
N TYR A 180 -11.12 -5.15 4.82
CA TYR A 180 -12.07 -4.50 5.71
C TYR A 180 -11.90 -2.98 5.68
N ASN A 181 -10.65 -2.53 5.75
CA ASN A 181 -10.38 -1.11 5.77
C ASN A 181 -10.71 -0.44 4.43
N LEU A 182 -10.49 -1.15 3.33
CA LEU A 182 -10.83 -0.60 2.02
C LEU A 182 -12.35 -0.49 1.86
N GLN A 183 -13.08 -1.54 2.26
CA GLN A 183 -14.53 -1.48 2.24
C GLN A 183 -15.04 -0.33 3.10
N ASP A 184 -14.43 -0.13 4.26
CA ASP A 184 -14.85 0.98 5.11
C ASP A 184 -14.62 2.34 4.46
N ALA A 185 -13.45 2.52 3.86
CA ALA A 185 -13.15 3.77 3.16
C ALA A 185 -14.17 3.97 2.04
N CYS A 186 -14.46 2.89 1.34
CA CYS A 186 -15.38 2.91 0.24
C CYS A 186 -16.77 3.35 0.68
N SER A 187 -17.15 2.93 1.88
CA SER A 187 -18.48 3.23 2.40
C SER A 187 -18.61 4.67 2.92
N THR A 188 -17.50 5.28 3.30
CA THR A 188 -17.54 6.55 4.00
C THR A 188 -17.01 7.73 3.21
N MSE A 189 -16.09 7.48 2.28
CA MSE A 189 -15.48 8.58 1.55
C MSE A 189 -15.83 8.53 0.08
O MSE A 189 -16.12 7.44 -0.45
CB MSE A 189 -13.97 8.50 1.70
CG MSE A 189 -13.58 7.73 2.95
SE MSE A 189 -11.63 7.49 3.00
CE MSE A 189 -11.42 7.30 4.96
N ASP A 190 -15.80 9.69 -0.58
CA ASP A 190 -16.03 9.74 -2.01
C ASP A 190 -14.71 9.49 -2.71
N PRO A 191 -14.75 8.94 -3.92
CA PRO A 191 -13.56 8.78 -4.74
C PRO A 191 -12.88 10.13 -4.92
N PRO A 192 -11.57 10.20 -4.84
CA PRO A 192 -10.87 11.45 -5.09
C PRO A 192 -11.19 11.98 -6.44
N GLU A 193 -11.09 13.30 -6.51
CA GLU A 193 -11.48 14.06 -7.71
C GLU A 193 -10.76 13.56 -8.96
N ASP A 194 -9.47 13.28 -8.84
CA ASP A 194 -8.72 12.88 -9.97
C ASP A 194 -8.63 11.36 -10.18
N TRP A 195 -9.29 10.59 -9.34
CA TRP A 195 -9.20 9.15 -9.44
C TRP A 195 -9.82 8.65 -10.74
N GLU A 196 -9.08 7.88 -11.52
CA GLU A 196 -9.52 7.42 -12.83
C GLU A 196 -9.59 5.91 -12.94
N GLY A 197 -9.20 5.21 -11.88
CA GLY A 197 -9.23 3.76 -11.89
C GLY A 197 -10.63 3.19 -11.74
N PRO A 198 -10.71 1.87 -11.50
CA PRO A 198 -11.99 1.22 -11.22
C PRO A 198 -12.72 1.90 -10.07
N ALA A 199 -14.05 1.82 -10.00
CA ALA A 199 -14.72 2.36 -8.83
C ALA A 199 -14.12 1.63 -7.62
N PRO A 200 -13.99 2.33 -6.49
CA PRO A 200 -13.48 1.64 -5.30
C PRO A 200 -14.22 0.35 -4.97
N GLU A 201 -15.54 0.30 -5.20
CA GLU A 201 -16.26 -0.94 -4.93
C GLU A 201 -15.78 -2.08 -5.83
N GLN A 202 -15.39 -1.76 -7.06
CA GLN A 202 -14.88 -2.81 -7.95
C GLN A 202 -13.57 -3.38 -7.43
N LEU A 203 -12.71 -2.52 -6.89
CA LEU A 203 -11.44 -2.99 -6.35
C LEU A 203 -11.68 -3.95 -5.20
N VAL A 204 -12.53 -3.55 -4.28
CA VAL A 204 -12.68 -4.38 -3.10
C VAL A 204 -13.43 -5.69 -3.41
N VAL A 205 -14.40 -5.64 -4.34
CA VAL A 205 -15.10 -6.86 -4.74
C VAL A 205 -14.16 -7.83 -5.44
N GLN A 206 -13.28 -7.30 -6.29
CA GLN A 206 -12.38 -8.17 -7.00
C GLN A 206 -11.29 -8.74 -6.11
N LEU A 207 -10.74 -7.89 -5.25
CA LEU A 207 -9.71 -8.35 -4.32
C LEU A 207 -10.28 -9.41 -3.37
N ALA A 208 -11.50 -9.21 -2.90
CA ALA A 208 -12.12 -10.18 -1.99
C ALA A 208 -12.30 -11.51 -2.71
N SER A 209 -12.65 -11.43 -3.98
CA SER A 209 -12.84 -12.65 -4.73
C SER A 209 -11.52 -13.42 -4.92
N VAL A 210 -10.45 -12.72 -5.29
CA VAL A 210 -9.14 -13.37 -5.49
C VAL A 210 -8.64 -13.99 -4.19
N TRP A 211 -8.90 -13.30 -3.09
CA TRP A 211 -8.46 -13.78 -1.77
C TRP A 211 -9.47 -14.67 -1.06
N GLU A 212 -10.58 -14.96 -1.73
CA GLU A 212 -11.63 -15.83 -1.20
C GLU A 212 -12.15 -15.41 0.17
N ILE A 213 -12.38 -14.10 0.32
CA ILE A 213 -12.99 -13.56 1.52
C ILE A 213 -14.39 -13.08 1.17
N ASP A 214 -15.39 -13.51 1.92
CA ASP A 214 -16.78 -13.15 1.58
C ASP A 214 -17.14 -11.84 2.27
N LEU A 215 -17.26 -10.77 1.49
CA LEU A 215 -17.49 -9.44 2.05
C LEU A 215 -18.82 -9.35 2.79
N GLN A 216 -19.78 -10.18 2.40
CA GLN A 216 -21.08 -10.16 3.03
C GLN A 216 -21.05 -10.82 4.42
N GLN A 217 -20.04 -11.49 4.84
CA GLN A 217 -19.80 -11.98 6.20
C GLN A 217 -19.26 -10.90 7.13
N PHE A 218 -18.78 -9.81 6.65
CA PHE A 218 -18.56 -8.68 7.55
C PHE A 218 -19.93 -8.19 8.06
N ASP A 219 -20.00 -7.91 9.36
CA ASP A 219 -21.25 -7.45 9.97
C ASP A 219 -21.46 -5.95 9.72
N LYS A 220 -22.71 -5.55 9.61
CA LYS A 220 -23.05 -4.15 9.37
C LYS A 220 -23.68 -3.51 10.62
#